data_4I7I
#
_entry.id   4I7I
#
_cell.length_a   171.402
_cell.length_b   171.402
_cell.length_c   300.477
_cell.angle_alpha   90.00
_cell.angle_beta   90.00
_cell.angle_gamma   120.00
#
_symmetry.space_group_name_H-M   'H 3 2'
#
loop_
_entity.id
_entity.type
_entity.pdbx_description
1 polymer 'Ryanodine receptor 1'
2 non-polymer GLYCEROL
3 water water
#
_entity_poly.entity_id   1
_entity_poly.type   'polypeptide(L)'
_entity_poly.pdbx_seq_one_letter_code
;MGDGGEGEDEVQFRRTDDEVVLQCSATVLKEQLKLCLAAEGFGNRLCFLEPTSNAQNVPPDLAICCFTLEQSLSVRALQE
MLANTVEAGVESSQGGGHRTLLYGHAILLRHAHSRMYLSCLTTSRSMTDKLAFDVGLQEDATGEACWWTMHPASKQRSEG
EKVRVGDDLILVSVSSERYLHLSTASGELQVDASFMQTLWNMNPICSCCEEGYVTGGHVLRLFHGHMDECLTISAADSDD
QRRLVYYEGGAVCTHARSLWRLEPLRISWSGSHLRWGQPLRIRHVTTGRYLALTEDQGLVVVDACKAHTKATSFCFRVSK
EKLDTAPKRDVEGMGPPEIKYGESLCFVQHVASGLWLTYAAPDPKALRLGVLKKKAILHQEGHMDDALFLTRCQQEESQA
ARMIHSTAGLYNQFIKGLDSFSGKPRGSGPPAGPALPIEAVILSLQDLIGYFEPPSEELQHEEKQSKLRSLRNRQSLFQE
EGMLSLVLNCIDRLNVYTTAAHFAEYAGEEAAESWKEIVNLLYELLASLIRGNRAN
;
_entity_poly.pdbx_strand_id   A
#
loop_
_chem_comp.id
_chem_comp.type
_chem_comp.name
_chem_comp.formula
GOL non-polymer GLYCEROL 'C3 H8 O3'
#
# COMPACT_ATOMS: atom_id res chain seq x y z
N GLN A 12 4.74 23.44 11.28
CA GLN A 12 5.98 22.98 12.01
C GLN A 12 5.64 22.10 13.21
N PHE A 13 4.51 22.40 13.86
CA PHE A 13 3.97 21.54 14.90
C PHE A 13 3.24 20.36 14.25
N ARG A 14 3.13 19.24 14.97
CA ARG A 14 2.38 18.09 14.49
C ARG A 14 1.00 18.07 15.10
N ARG A 15 -0.02 18.02 14.26
CA ARG A 15 -1.40 17.97 14.74
C ARG A 15 -2.06 16.65 14.36
N THR A 16 -3.09 16.28 15.11
CA THR A 16 -3.80 15.03 14.85
C THR A 16 -4.48 15.07 13.49
N ASP A 17 -4.61 13.90 12.87
CA ASP A 17 -5.17 13.75 11.53
C ASP A 17 -4.13 13.99 10.46
N ASP A 18 -2.92 14.33 10.88
CA ASP A 18 -1.81 14.40 9.95
C ASP A 18 -1.49 12.99 9.50
N GLU A 19 -1.01 12.88 8.27
CA GLU A 19 -0.56 11.59 7.77
C GLU A 19 0.95 11.61 7.92
N VAL A 20 1.48 10.57 8.55
CA VAL A 20 2.90 10.51 8.86
C VAL A 20 3.48 9.13 8.58
N VAL A 21 4.80 9.10 8.38
CA VAL A 21 5.54 7.84 8.41
C VAL A 21 6.52 7.90 9.56
N LEU A 22 6.79 6.75 10.18
CA LEU A 22 7.79 6.69 11.24
C LEU A 22 9.10 6.23 10.62
N GLN A 23 10.07 7.15 10.58
CA GLN A 23 11.36 6.87 9.98
C GLN A 23 12.47 6.70 11.01
N CYS A 24 13.34 5.73 10.77
CA CYS A 24 14.55 5.55 11.56
C CYS A 24 15.73 5.35 10.61
N SER A 25 16.94 5.40 11.14
CA SER A 25 18.13 5.27 10.30
C SER A 25 19.09 4.18 10.79
N ALA A 26 19.88 3.66 9.85
CA ALA A 26 20.83 2.59 10.11
C ALA A 26 22.03 2.74 9.20
N THR A 27 23.19 2.28 9.68
CA THR A 27 24.42 2.38 8.92
C THR A 27 24.67 1.07 8.18
N VAL A 28 24.67 1.13 6.84
CA VAL A 28 24.92 -0.04 6.01
C VAL A 28 26.17 0.18 5.15
N LEU A 29 27.21 -0.59 5.45
CA LEU A 29 28.51 -0.50 4.77
C LEU A 29 28.99 0.95 4.62
N LYS A 30 29.10 1.63 5.77
CA LYS A 30 29.58 3.03 5.86
C LYS A 30 28.70 4.09 5.19
N GLU A 31 27.38 3.87 5.21
CA GLU A 31 26.41 4.85 4.69
C GLU A 31 25.07 4.73 5.41
N GLN A 32 24.38 5.86 5.59
CA GLN A 32 23.10 5.87 6.29
C GLN A 32 21.92 5.56 5.38
N LEU A 33 21.32 4.38 5.57
CA LEU A 33 20.05 4.06 4.94
C LEU A 33 18.92 4.50 5.86
N LYS A 34 17.97 5.26 5.30
CA LYS A 34 16.76 5.63 6.02
C LYS A 34 15.69 4.56 5.77
N LEU A 35 14.92 4.25 6.82
CA LEU A 35 13.93 3.18 6.78
C LEU A 35 12.59 3.65 7.33
N CYS A 36 11.50 3.18 6.72
CA CYS A 36 10.16 3.54 7.20
C CYS A 36 9.39 2.34 7.75
N LEU A 37 8.59 2.60 8.78
CA LEU A 37 7.78 1.56 9.38
C LEU A 37 6.62 1.19 8.45
N ALA A 38 6.50 -0.10 8.18
CA ALA A 38 5.57 -0.59 7.16
C ALA A 38 4.95 -1.92 7.54
N ALA A 39 3.67 -2.09 7.20
CA ALA A 39 2.97 -3.37 7.32
C ALA A 39 1.90 -3.46 6.24
N GLU A 40 1.52 -4.69 5.90
CA GLU A 40 0.47 -4.93 4.91
C GLU A 40 -0.89 -5.01 5.59
N GLY A 41 -0.95 -5.68 6.72
CA GLY A 41 -2.18 -5.87 7.47
C GLY A 41 -2.83 -7.20 7.13
N PHE A 42 -3.46 -7.24 5.96
CA PHE A 42 -4.11 -8.45 5.46
C PHE A 42 -3.07 -9.47 5.03
N GLY A 43 -3.16 -10.68 5.58
CA GLY A 43 -2.19 -11.73 5.30
C GLY A 43 -0.94 -11.64 6.15
N ASN A 44 -0.65 -10.45 6.69
CA ASN A 44 0.51 -10.23 7.55
C ASN A 44 0.43 -9.01 8.49
N ARG A 45 0.18 -9.28 9.77
CA ARG A 45 0.06 -8.21 10.77
C ARG A 45 1.40 -7.54 11.11
N LEU A 46 2.49 -8.30 11.08
CA LEU A 46 3.82 -7.81 11.51
C LEU A 46 4.36 -6.66 10.69
N CYS A 47 4.94 -5.67 11.37
CA CYS A 47 5.61 -4.57 10.71
C CYS A 47 6.99 -4.99 10.25
N PHE A 48 7.46 -4.31 9.20
CA PHE A 48 8.82 -4.48 8.71
C PHE A 48 9.31 -3.09 8.30
N LEU A 49 10.51 -3.02 7.73
CA LEU A 49 11.09 -1.73 7.39
C LEU A 49 11.30 -1.58 5.90
N GLU A 50 10.89 -0.44 5.38
CA GLU A 50 10.96 -0.16 3.96
C GLU A 50 12.09 0.84 3.73
N PRO A 51 13.17 0.42 3.04
CA PRO A 51 14.26 1.32 2.70
C PRO A 51 13.75 2.42 1.78
N THR A 52 14.09 3.66 2.08
CA THR A 52 13.64 4.80 1.28
C THR A 52 14.81 5.64 0.76
N SER A 53 16.03 5.18 1.02
CA SER A 53 17.23 5.91 0.61
C SER A 53 17.49 5.86 -0.90
N ASN A 54 17.24 4.72 -1.52
CA ASN A 54 17.53 4.54 -2.95
C ASN A 54 16.39 5.01 -3.89
N ALA A 55 15.46 5.80 -3.35
CA ALA A 55 14.32 6.34 -4.12
C ALA A 55 14.67 6.79 -5.54
N GLN A 56 15.79 7.50 -5.71
CA GLN A 56 16.26 7.92 -7.02
C GLN A 56 16.23 6.78 -8.05
N ASN A 57 16.62 5.58 -7.64
CA ASN A 57 16.72 4.42 -8.55
C ASN A 57 15.58 3.41 -8.45
N VAL A 58 15.08 3.23 -7.22
CA VAL A 58 14.03 2.26 -6.95
C VAL A 58 13.00 2.90 -6.00
N PRO A 59 11.79 3.20 -6.52
CA PRO A 59 10.75 3.79 -5.68
C PRO A 59 10.33 2.84 -4.57
N PRO A 60 10.22 3.34 -3.32
CA PRO A 60 9.85 2.49 -2.20
C PRO A 60 8.34 2.26 -2.13
N ASP A 61 7.94 1.20 -1.43
CA ASP A 61 6.54 0.82 -1.31
C ASP A 61 5.85 1.71 -0.25
N LEU A 62 5.65 2.98 -0.60
CA LEU A 62 5.24 3.99 0.37
C LEU A 62 3.79 3.87 0.87
N ALA A 63 2.92 3.29 0.04
CA ALA A 63 1.48 3.21 0.34
C ALA A 63 1.20 2.59 1.70
N ILE A 64 1.91 1.51 2.02
CA ILE A 64 1.72 0.79 3.28
C ILE A 64 2.60 1.31 4.43
N CYS A 65 3.24 2.45 4.20
CA CYS A 65 4.01 3.13 5.23
C CYS A 65 3.23 4.23 5.92
N CYS A 66 2.05 4.57 5.39
CA CYS A 66 1.31 5.73 5.87
C CYS A 66 0.42 5.44 7.05
N PHE A 67 0.53 6.29 8.06
CA PHE A 67 -0.30 6.21 9.26
C PHE A 67 -0.98 7.54 9.52
N THR A 68 -2.15 7.48 10.14
CA THR A 68 -2.89 8.66 10.55
C THR A 68 -2.92 8.78 12.07
N LEU A 69 -2.61 9.97 12.58
CA LEU A 69 -2.62 10.24 14.01
C LEU A 69 -4.05 10.43 14.51
N GLU A 70 -4.69 9.33 14.93
CA GLU A 70 -6.10 9.37 15.32
C GLU A 70 -6.36 10.24 16.55
N GLN A 71 -5.77 9.88 17.69
CA GLN A 71 -5.93 10.67 18.91
C GLN A 71 -4.61 10.84 19.66
N SER A 72 -4.50 11.92 20.42
CA SER A 72 -3.31 12.23 21.22
C SER A 72 -3.71 12.58 22.65
N LEU A 73 -3.36 11.70 23.60
CA LEU A 73 -3.92 11.77 24.95
C LEU A 73 -2.90 11.92 26.08
N SER A 74 -3.32 12.54 27.17
CA SER A 74 -2.53 12.61 28.39
C SER A 74 -2.69 11.31 29.20
N VAL A 75 -1.79 11.09 30.16
CA VAL A 75 -1.88 9.95 31.06
C VAL A 75 -3.27 9.92 31.72
N ARG A 76 -3.65 11.06 32.30
CA ARG A 76 -4.99 11.26 32.87
C ARG A 76 -6.09 10.99 31.83
N ALA A 77 -5.93 11.53 30.62
CA ALA A 77 -6.89 11.34 29.55
C ALA A 77 -6.99 9.88 29.09
N LEU A 78 -5.83 9.21 28.97
CA LEU A 78 -5.78 7.82 28.54
C LEU A 78 -6.37 6.87 29.59
N GLN A 79 -5.88 6.97 30.82
CA GLN A 79 -6.37 6.15 31.93
C GLN A 79 -7.89 6.27 32.10
N GLU A 80 -8.43 7.43 31.73
CA GLU A 80 -9.86 7.71 31.83
C GLU A 80 -10.67 7.05 30.72
N MET A 81 -10.18 7.11 29.49
CA MET A 81 -10.86 6.53 28.33
C MET A 81 -10.96 4.99 28.41
N LEU A 82 -9.92 4.38 28.97
CA LEU A 82 -9.86 2.92 29.12
C LEU A 82 -10.88 2.35 30.10
N ALA A 83 -11.41 3.20 30.98
CA ALA A 83 -12.40 2.79 31.97
C ALA A 83 -13.85 3.00 31.50
N ASN A 84 -14.09 4.07 30.74
CA ASN A 84 -15.43 4.43 30.31
C ASN A 84 -15.99 3.50 29.22
N GLY A 97 -10.85 19.31 16.80
CA GLY A 97 -10.49 18.22 15.91
C GLY A 97 -8.98 18.06 15.71
N HIS A 98 -8.23 19.11 16.02
CA HIS A 98 -6.78 19.11 15.79
C HIS A 98 -5.97 19.47 17.04
N ARG A 99 -5.98 18.59 18.03
CA ARG A 99 -5.09 18.73 19.19
C ARG A 99 -3.66 18.54 18.71
N THR A 100 -2.78 19.45 19.13
CA THR A 100 -1.36 19.41 18.75
C THR A 100 -0.63 18.40 19.60
N LEU A 101 0.36 17.72 19.02
CA LEU A 101 1.13 16.70 19.73
C LEU A 101 2.07 17.32 20.74
N LEU A 102 1.93 16.91 22.00
CA LEU A 102 2.82 17.35 23.07
C LEU A 102 3.56 16.15 23.64
N TYR A 103 4.86 16.31 23.83
CA TYR A 103 5.66 15.26 24.46
C TYR A 103 5.01 14.84 25.77
N GLY A 104 4.98 13.53 26.00
CA GLY A 104 4.29 12.99 27.17
C GLY A 104 2.91 12.49 26.83
N HIS A 105 2.41 12.86 25.65
CA HIS A 105 1.13 12.36 25.15
C HIS A 105 1.25 10.94 24.62
N ALA A 106 0.15 10.19 24.77
CA ALA A 106 0.00 8.89 24.14
C ALA A 106 -0.70 9.07 22.80
N ILE A 107 -0.14 8.46 21.75
CA ILE A 107 -0.75 8.56 20.42
C ILE A 107 -1.27 7.24 19.88
N LEU A 108 -2.28 7.34 19.02
CA LEU A 108 -2.89 6.21 18.36
C LEU A 108 -2.68 6.35 16.86
N LEU A 109 -2.04 5.35 16.25
CA LEU A 109 -1.69 5.40 14.83
C LEU A 109 -2.46 4.37 14.01
N ARG A 110 -3.37 4.87 13.16
CA ARG A 110 -4.13 4.02 12.26
C ARG A 110 -3.42 3.83 10.93
N HIS A 111 -3.29 2.58 10.51
CA HIS A 111 -2.73 2.21 9.22
C HIS A 111 -3.67 2.69 8.12
N ALA A 112 -3.16 3.53 7.22
CA ALA A 112 -4.00 4.14 6.19
C ALA A 112 -4.62 3.10 5.25
N HIS A 113 -3.83 2.11 4.84
CA HIS A 113 -4.32 1.04 3.96
C HIS A 113 -5.27 0.05 4.64
N SER A 114 -4.82 -0.57 5.74
CA SER A 114 -5.58 -1.66 6.36
C SER A 114 -6.61 -1.18 7.38
N ARG A 115 -6.56 0.11 7.71
CA ARG A 115 -7.37 0.73 8.78
C ARG A 115 -7.18 0.03 10.14
N MET A 116 -6.07 -0.69 10.28
CA MET A 116 -5.66 -1.32 11.54
C MET A 116 -4.71 -0.41 12.30
N TYR A 117 -4.54 -0.65 13.59
CA TYR A 117 -3.74 0.23 14.43
C TYR A 117 -2.37 -0.35 14.78
N LEU A 118 -1.36 0.50 14.78
CA LEU A 118 -0.01 0.11 15.16
C LEU A 118 0.02 -0.28 16.63
N SER A 119 0.51 -1.49 16.90
CA SER A 119 0.44 -2.03 18.25
C SER A 119 1.64 -2.89 18.64
N CYS A 120 1.70 -3.19 19.94
CA CYS A 120 2.69 -4.10 20.50
C CYS A 120 2.00 -5.44 20.71
N LEU A 121 2.52 -6.47 20.05
CA LEU A 121 1.90 -7.80 20.11
C LEU A 121 2.46 -8.61 21.29
N THR A 122 2.05 -9.87 21.40
CA THR A 122 2.50 -10.74 22.50
C THR A 122 3.36 -11.92 22.03
N THR A 123 3.83 -11.84 20.78
CA THR A 123 4.67 -12.88 20.19
C THR A 123 6.12 -12.41 20.04
N SER A 124 7.04 -13.36 19.96
CA SER A 124 8.47 -13.05 19.88
C SER A 124 9.19 -13.73 18.72
N ARG A 125 10.28 -13.11 18.27
CA ARG A 125 11.19 -13.67 17.25
C ARG A 125 10.48 -14.05 15.95
N LYS A 130 16.80 -13.25 24.36
CA LYS A 130 16.02 -12.08 23.98
C LYS A 130 14.67 -12.03 24.70
N LEU A 131 14.33 -10.85 25.22
CA LEU A 131 13.06 -10.62 25.88
C LEU A 131 12.34 -9.48 25.16
N ALA A 132 11.79 -9.76 23.98
CA ALA A 132 11.25 -8.71 23.11
C ALA A 132 9.93 -9.10 22.43
N PHE A 133 9.00 -8.15 22.39
CA PHE A 133 7.73 -8.35 21.70
C PHE A 133 7.81 -7.93 20.23
N ASP A 134 6.90 -8.46 19.43
CA ASP A 134 6.76 -8.10 18.02
C ASP A 134 5.99 -6.80 17.87
N VAL A 135 6.26 -6.06 16.80
CA VAL A 135 5.47 -4.86 16.47
C VAL A 135 4.64 -5.11 15.22
N GLY A 136 3.32 -5.07 15.37
CA GLY A 136 2.42 -5.35 14.26
C GLY A 136 1.20 -4.46 14.21
N LEU A 137 0.17 -4.96 13.53
CA LEU A 137 -1.10 -4.25 13.44
C LEU A 137 -2.19 -4.98 14.19
N GLN A 138 -3.10 -4.19 14.75
CA GLN A 138 -4.21 -4.74 15.50
C GLN A 138 -5.51 -4.33 14.86
N GLU A 139 -6.43 -5.30 14.79
CA GLU A 139 -7.74 -5.13 14.18
C GLU A 139 -8.56 -3.98 14.81
N ASP A 140 -8.55 -3.89 16.13
CA ASP A 140 -9.31 -2.85 16.83
C ASP A 140 -8.49 -2.15 17.91
N ALA A 141 -8.69 -0.83 18.02
CA ALA A 141 -8.02 -0.01 19.03
C ALA A 141 -8.61 -0.27 20.42
N THR A 142 -8.38 -1.48 20.91
CA THR A 142 -8.90 -1.91 22.20
C THR A 142 -7.71 -2.22 23.12
N GLY A 143 -7.85 -1.84 24.39
CA GLY A 143 -6.78 -2.08 25.37
C GLY A 143 -5.57 -1.18 25.21
N GLU A 144 -4.56 -1.40 26.05
CA GLU A 144 -3.37 -0.55 26.11
C GLU A 144 -2.39 -0.77 24.96
N ALA A 145 -2.54 -1.89 24.26
CA ALA A 145 -1.58 -2.37 23.26
C ALA A 145 -1.31 -1.45 22.06
N CYS A 146 -2.30 -0.67 21.65
CA CYS A 146 -2.16 0.16 20.44
C CYS A 146 -1.82 1.62 20.72
N TRP A 147 -1.51 1.93 21.98
CA TRP A 147 -1.14 3.28 22.39
C TRP A 147 0.37 3.43 22.62
N TRP A 148 0.91 4.58 22.22
CA TRP A 148 2.35 4.86 22.31
C TRP A 148 2.59 6.26 22.85
N THR A 149 3.46 6.36 23.86
CA THR A 149 3.84 7.66 24.42
C THR A 149 5.13 8.20 23.79
N MET A 150 5.18 9.52 23.66
CA MET A 150 6.31 10.20 23.01
C MET A 150 7.19 10.91 24.03
N HIS A 151 8.50 10.76 23.85
CA HIS A 151 9.48 11.39 24.73
C HIS A 151 10.62 12.02 23.94
N PRO A 152 11.16 13.15 24.46
CA PRO A 152 12.19 13.94 23.80
C PRO A 152 13.51 13.18 23.62
N ALA A 153 14.25 13.55 22.58
CA ALA A 153 15.55 12.93 22.28
C ALA A 153 16.67 13.55 23.10
N SER A 154 16.51 14.84 23.42
CA SER A 154 17.55 15.63 24.08
C SER A 154 16.95 16.60 25.10
N LYS A 155 17.81 17.41 25.70
CA LYS A 155 17.39 18.51 26.57
C LYS A 155 16.87 19.71 25.76
N GLN A 156 16.88 19.60 24.44
CA GLN A 156 16.38 20.66 23.56
C GLN A 156 14.86 20.81 23.64
N ARG A 157 14.17 19.70 23.90
CA ARG A 157 12.70 19.68 24.07
C ARG A 157 12.31 19.04 25.41
N SER A 158 11.12 19.38 25.90
CA SER A 158 10.66 18.94 27.23
C SER A 158 9.21 18.44 27.24
N GLU A 159 8.87 17.58 28.20
CA GLU A 159 7.54 17.00 28.32
C GLU A 159 6.42 18.04 28.53
N GLY A 160 5.48 18.10 27.57
CA GLY A 160 4.38 19.07 27.59
C GLY A 160 4.53 20.15 26.52
N GLU A 161 5.59 20.02 25.74
CA GLU A 161 5.97 20.96 24.68
C GLU A 161 5.52 20.43 23.32
N LYS A 162 5.32 21.34 22.36
CA LYS A 162 4.88 20.97 21.01
C LYS A 162 5.96 20.16 20.28
N VAL A 163 5.59 18.97 19.81
CA VAL A 163 6.46 18.11 19.02
C VAL A 163 6.66 18.72 17.64
N ARG A 164 7.91 19.01 17.30
CA ARG A 164 8.22 19.73 16.05
C ARG A 164 8.85 18.84 14.98
N VAL A 165 8.79 19.32 13.73
CA VAL A 165 9.43 18.68 12.59
C VAL A 165 10.92 18.48 12.85
N GLY A 166 11.44 17.31 12.48
CA GLY A 166 12.87 17.05 12.54
C GLY A 166 13.37 16.52 13.87
N ASP A 167 12.51 16.54 14.88
CA ASP A 167 12.84 16.03 16.22
C ASP A 167 13.06 14.52 16.20
N ASP A 168 14.04 14.07 17.00
CA ASP A 168 14.18 12.65 17.26
C ASP A 168 13.22 12.28 18.38
N LEU A 169 12.54 11.15 18.21
CA LEU A 169 11.54 10.70 19.18
C LEU A 169 11.89 9.33 19.73
N ILE A 170 11.51 9.12 20.99
CA ILE A 170 11.51 7.80 21.58
C ILE A 170 10.05 7.44 21.78
N LEU A 171 9.67 6.23 21.37
CA LEU A 171 8.27 5.82 21.47
C LEU A 171 8.14 4.62 22.40
N VAL A 172 7.22 4.73 23.36
CA VAL A 172 7.09 3.73 24.42
C VAL A 172 5.73 3.04 24.37
N SER A 173 5.76 1.72 24.28
CA SER A 173 4.55 0.90 24.33
C SER A 173 3.90 1.02 25.72
N VAL A 174 2.68 1.55 25.74
CA VAL A 174 1.92 1.69 26.98
C VAL A 174 1.67 0.33 27.64
N SER A 175 1.36 -0.67 26.84
CA SER A 175 1.06 -2.02 27.33
C SER A 175 2.26 -2.72 27.97
N SER A 176 3.44 -2.54 27.38
CA SER A 176 4.60 -3.34 27.74
C SER A 176 5.81 -2.58 28.30
N GLU A 177 5.71 -1.25 28.30
CA GLU A 177 6.79 -0.35 28.77
C GLU A 177 8.09 -0.47 27.97
N ARG A 178 7.98 -1.00 26.75
CA ARG A 178 9.13 -1.24 25.89
C ARG A 178 9.24 -0.16 24.81
N TYR A 179 10.39 -0.08 24.13
CA TYR A 179 10.62 0.95 23.12
C TYR A 179 10.44 0.44 21.68
N LEU A 180 9.89 1.31 20.82
CA LEU A 180 9.87 1.06 19.39
C LEU A 180 11.33 1.01 18.94
N HIS A 181 11.75 -0.13 18.41
CA HIS A 181 13.17 -0.41 18.30
C HIS A 181 13.61 -1.05 16.97
N LEU A 182 14.61 -0.45 16.34
CA LEU A 182 15.25 -1.06 15.18
C LEU A 182 16.19 -2.18 15.61
N SER A 183 16.06 -3.35 15.00
CA SER A 183 16.87 -4.52 15.35
C SER A 183 17.83 -4.94 14.23
N THR A 184 18.88 -5.68 14.59
CA THR A 184 19.88 -6.12 13.60
C THR A 184 20.29 -7.58 13.80
N ALA A 185 19.35 -8.49 13.58
CA ALA A 185 19.64 -9.91 13.79
C ALA A 185 18.84 -10.85 12.89
N SER A 186 19.52 -11.89 12.41
CA SER A 186 20.96 -11.99 12.61
C SER A 186 21.63 -10.91 11.75
N GLY A 187 21.14 -10.78 10.52
CA GLY A 187 21.73 -9.86 9.54
C GLY A 187 20.79 -8.83 8.96
N GLU A 188 19.50 -9.17 8.88
CA GLU A 188 18.51 -8.26 8.28
C GLU A 188 18.05 -7.19 9.26
N LEU A 189 17.56 -6.07 8.71
CA LEU A 189 16.93 -5.02 9.51
C LEU A 189 15.53 -5.48 9.87
N GLN A 190 15.08 -5.12 11.07
CA GLN A 190 13.76 -5.50 11.55
C GLN A 190 13.28 -4.51 12.60
N VAL A 191 12.00 -4.56 12.93
CA VAL A 191 11.46 -3.75 14.02
C VAL A 191 10.99 -4.69 15.11
N ASP A 192 11.19 -4.29 16.37
CA ASP A 192 10.53 -4.95 17.49
C ASP A 192 10.34 -3.97 18.65
N ALA A 193 9.81 -4.49 19.76
CA ALA A 193 9.75 -3.72 20.99
C ALA A 193 10.89 -4.19 21.88
N SER A 194 11.84 -3.30 22.17
CA SER A 194 13.01 -3.70 22.94
C SER A 194 13.22 -2.84 24.19
N PHE A 195 13.96 -3.39 25.14
CA PHE A 195 14.45 -2.63 26.28
C PHE A 195 15.45 -1.58 25.78
N MET A 196 16.08 -1.86 24.65
CA MET A 196 16.95 -0.91 23.97
C MET A 196 16.11 0.19 23.30
N GLN A 197 16.76 1.29 22.94
CA GLN A 197 16.05 2.44 22.38
C GLN A 197 16.47 2.76 20.95
N THR A 198 15.53 3.30 20.18
CA THR A 198 15.82 3.74 18.81
C THR A 198 15.27 5.15 18.59
N LEU A 199 16.12 6.01 18.03
CA LEU A 199 15.74 7.37 17.68
C LEU A 199 14.88 7.34 16.40
N TRP A 200 13.66 7.88 16.51
CA TRP A 200 12.67 7.85 15.43
C TRP A 200 12.26 9.24 14.97
N ASN A 201 12.33 9.49 13.66
CA ASN A 201 11.80 10.73 13.08
C ASN A 201 10.36 10.52 12.58
N MET A 202 9.47 11.42 12.96
CA MET A 202 8.08 11.36 12.47
C MET A 202 7.86 12.37 11.36
N ASN A 203 7.93 11.89 10.12
CA ASN A 203 7.89 12.76 8.94
C ASN A 203 6.49 13.02 8.42
N PRO A 204 6.15 14.30 8.16
CA PRO A 204 4.83 14.60 7.65
C PRO A 204 4.69 14.15 6.21
N ILE A 205 3.55 13.54 5.89
CA ILE A 205 3.20 13.17 4.53
C ILE A 205 2.26 14.23 3.95
N CYS A 206 1.16 14.47 4.65
CA CYS A 206 0.19 15.49 4.26
C CYS A 206 -0.49 16.06 5.49
N SER A 207 -1.03 17.26 5.34
CA SER A 207 -1.75 17.91 6.43
C SER A 207 -3.17 18.24 5.96
N CYS A 208 -3.74 19.32 6.50
CA CYS A 208 -5.00 19.87 5.97
C CYS A 208 -4.84 20.05 4.47
N CYS A 209 -5.80 19.53 3.72
CA CYS A 209 -5.74 19.59 2.26
C CYS A 209 -6.87 20.44 1.72
N GLU A 210 -6.57 21.24 0.71
CA GLU A 210 -7.60 21.97 -0.01
C GLU A 210 -8.58 20.97 -0.60
N GLU A 211 -9.86 21.20 -0.35
CA GLU A 211 -10.89 20.30 -0.78
C GLU A 211 -10.89 20.18 -2.30
N GLY A 212 -10.94 18.93 -2.79
CA GLY A 212 -11.07 18.67 -4.20
C GLY A 212 -9.84 18.96 -5.05
N TYR A 213 -8.68 18.98 -4.40
CA TYR A 213 -7.43 19.22 -5.10
C TYR A 213 -6.57 17.97 -5.13
N VAL A 214 -5.84 17.80 -6.22
CA VAL A 214 -4.99 16.63 -6.40
C VAL A 214 -3.73 16.76 -5.54
N THR A 215 -3.48 15.75 -4.71
CA THR A 215 -2.27 15.67 -3.92
C THR A 215 -1.53 14.40 -4.28
N GLY A 216 -0.27 14.29 -3.86
CA GLY A 216 0.50 13.08 -4.11
C GLY A 216 -0.01 11.95 -3.23
N GLY A 217 0.21 10.72 -3.69
CA GLY A 217 -0.23 9.53 -2.95
C GLY A 217 -1.70 9.20 -3.11
N HIS A 218 -2.43 10.08 -3.82
CA HIS A 218 -3.80 9.83 -4.19
C HIS A 218 -3.88 8.71 -5.23
N VAL A 219 -4.84 7.80 -5.07
CA VAL A 219 -5.14 6.79 -6.09
C VAL A 219 -6.28 7.33 -6.95
N LEU A 220 -6.12 7.27 -8.27
CA LEU A 220 -7.07 7.91 -9.17
C LEU A 220 -7.14 7.27 -10.57
N ARG A 221 -8.07 7.74 -11.37
CA ARG A 221 -8.15 7.41 -12.79
C ARG A 221 -7.92 8.65 -13.66
N LEU A 222 -7.32 8.43 -14.83
CA LEU A 222 -7.08 9.52 -15.79
C LEU A 222 -7.98 9.35 -17.02
N PHE A 223 -8.94 10.26 -17.19
CA PHE A 223 -9.91 10.16 -18.26
C PHE A 223 -9.57 10.98 -19.48
N HIS A 224 -9.87 10.42 -20.64
CA HIS A 224 -9.62 11.05 -21.92
C HIS A 224 -10.95 11.31 -22.63
N GLY A 225 -11.44 12.55 -22.56
CA GLY A 225 -12.69 12.93 -23.22
C GLY A 225 -13.89 12.99 -22.28
N ASP A 228 -16.56 6.87 -20.10
CA ASP A 228 -15.69 7.12 -21.25
C ASP A 228 -14.28 6.56 -21.07
N GLU A 229 -13.41 6.88 -22.02
CA GLU A 229 -12.08 6.29 -22.12
C GLU A 229 -11.14 6.76 -21.02
N CYS A 230 -10.44 5.82 -20.42
CA CYS A 230 -9.47 6.13 -19.40
C CYS A 230 -8.19 5.36 -19.64
N LEU A 231 -7.11 5.80 -19.00
CA LEU A 231 -5.80 5.19 -19.20
C LEU A 231 -5.70 3.91 -18.38
N THR A 232 -5.35 2.82 -19.06
CA THR A 232 -5.34 1.50 -18.43
C THR A 232 -4.31 0.54 -19.03
N ILE A 233 -4.17 -0.62 -18.39
CA ILE A 233 -3.45 -1.74 -18.98
C ILE A 233 -4.43 -2.88 -19.27
N SER A 234 -3.98 -3.87 -20.05
CA SER A 234 -4.82 -5.01 -20.43
C SER A 234 -5.26 -5.82 -19.22
N ALA A 235 -6.33 -6.59 -19.39
CA ALA A 235 -6.85 -7.44 -18.32
C ALA A 235 -5.92 -8.63 -18.05
N ALA A 236 -6.16 -9.31 -16.93
CA ALA A 236 -5.30 -10.41 -16.47
C ALA A 236 -5.13 -11.55 -17.49
N ASP A 237 -3.96 -12.20 -17.43
CA ASP A 237 -3.57 -13.29 -18.34
C ASP A 237 -3.65 -12.89 -19.82
N SER A 238 -3.41 -11.61 -20.09
CA SER A 238 -3.46 -11.07 -21.44
C SER A 238 -2.12 -11.23 -22.14
N ASP A 239 -2.16 -11.32 -23.48
CA ASP A 239 -0.96 -11.50 -24.31
C ASP A 239 0.09 -10.41 -24.09
N ASP A 240 -0.39 -9.23 -23.66
CA ASP A 240 0.44 -8.11 -23.22
C ASP A 240 1.58 -8.46 -22.27
N GLN A 241 1.35 -9.49 -21.44
CA GLN A 241 2.10 -9.72 -20.20
C GLN A 241 1.83 -8.57 -19.24
N ARG A 242 0.78 -7.80 -19.55
CA ARG A 242 0.29 -6.66 -18.75
C ARG A 242 1.23 -5.45 -18.75
N ARG A 243 2.12 -5.37 -19.74
CA ARG A 243 3.14 -4.33 -19.77
C ARG A 243 2.77 -3.08 -20.58
N LEU A 244 1.71 -3.17 -21.40
CA LEU A 244 1.40 -2.06 -22.30
C LEU A 244 0.22 -1.21 -21.83
N VAL A 245 0.22 0.05 -22.24
CA VAL A 245 -0.74 1.05 -21.77
C VAL A 245 -1.71 1.45 -22.89
N TYR A 246 -2.99 1.51 -22.57
CA TYR A 246 -4.06 1.80 -23.52
C TYR A 246 -5.03 2.86 -23.01
N TYR A 247 -5.77 3.47 -23.95
CA TYR A 247 -6.99 4.20 -23.62
C TYR A 247 -8.17 3.28 -23.97
N GLU A 248 -8.98 2.94 -22.98
CA GLU A 248 -10.06 1.98 -23.16
C GLU A 248 -11.36 2.48 -22.56
N GLY A 249 -12.49 2.12 -23.17
CA GLY A 249 -13.81 2.55 -22.70
C GLY A 249 -14.69 1.46 -22.11
N GLY A 250 -15.90 1.83 -21.72
CA GLY A 250 -16.86 0.88 -21.16
C GLY A 250 -16.51 0.53 -19.74
N ALA A 251 -16.50 -0.77 -19.45
CA ALA A 251 -16.42 -1.27 -18.07
C ALA A 251 -15.11 -0.99 -17.33
N VAL A 252 -14.00 -0.81 -18.06
CA VAL A 252 -12.70 -0.57 -17.41
C VAL A 252 -12.76 0.56 -16.40
N CYS A 253 -13.46 1.62 -16.79
CA CYS A 253 -13.61 2.83 -15.98
CA CYS A 253 -13.58 2.82 -15.97
C CYS A 253 -14.13 2.54 -14.57
N THR A 254 -14.58 1.30 -14.34
CA THR A 254 -15.03 0.90 -13.00
C THR A 254 -14.29 -0.33 -12.50
N HIS A 255 -13.21 -0.69 -13.19
CA HIS A 255 -12.40 -1.86 -12.86
C HIS A 255 -11.08 -1.46 -12.25
N ALA A 256 -10.52 -2.36 -11.44
CA ALA A 256 -9.28 -2.08 -10.73
C ALA A 256 -8.09 -1.80 -11.63
N ARG A 257 -8.09 -2.34 -12.85
CA ARG A 257 -6.94 -2.17 -13.75
C ARG A 257 -6.71 -0.74 -14.24
N SER A 258 -7.69 0.14 -14.06
CA SER A 258 -7.59 1.52 -14.56
C SER A 258 -7.11 2.51 -13.48
N LEU A 259 -6.79 1.99 -12.31
CA LEU A 259 -6.38 2.81 -11.14
C LEU A 259 -4.88 3.04 -11.08
N TRP A 260 -4.49 4.29 -10.84
CA TRP A 260 -3.07 4.65 -10.68
C TRP A 260 -2.82 5.44 -9.41
N ARG A 261 -1.61 5.29 -8.85
CA ARG A 261 -1.20 6.08 -7.70
C ARG A 261 -0.16 7.12 -8.11
N LEU A 262 -0.42 8.37 -7.73
CA LEU A 262 0.49 9.48 -8.04
C LEU A 262 1.57 9.62 -6.96
N GLU A 263 2.83 9.49 -7.38
CA GLU A 263 3.97 9.50 -6.45
C GLU A 263 5.03 10.54 -6.82
N PRO A 264 5.05 11.68 -6.10
CA PRO A 264 6.09 12.70 -6.26
C PRO A 264 7.46 12.19 -5.80
N LEU A 265 8.54 12.76 -6.34
CA LEU A 265 9.90 12.31 -6.01
C LEU A 265 10.44 12.94 -4.73
N ARG A 266 9.73 12.75 -3.63
CA ARG A 266 10.12 13.29 -2.34
C ARG A 266 9.39 12.46 -1.29
N ILE A 267 10.10 11.87 -0.36
CA ILE A 267 9.45 11.06 0.67
C ILE A 267 8.58 11.92 1.60
N SER A 268 9.09 13.10 1.97
CA SER A 268 8.36 14.00 2.86
C SER A 268 7.59 15.06 2.07
N TRP A 269 6.39 15.38 2.58
CA TRP A 269 5.40 16.21 1.89
C TRP A 269 5.05 15.67 0.50
N SER A 270 5.23 14.36 0.33
CA SER A 270 4.79 13.65 -0.87
C SER A 270 3.28 13.76 -1.03
N GLY A 271 2.56 13.81 0.09
CA GLY A 271 1.12 13.96 0.08
C GLY A 271 0.66 15.40 -0.05
N SER A 272 1.58 16.30 -0.40
CA SER A 272 1.23 17.71 -0.61
C SER A 272 0.53 17.89 -1.94
N HIS A 273 -0.10 19.04 -2.14
CA HIS A 273 -0.73 19.38 -3.40
C HIS A 273 0.21 19.16 -4.59
N LEU A 274 -0.34 18.58 -5.65
CA LEU A 274 0.40 18.47 -6.90
C LEU A 274 0.48 19.83 -7.57
N ARG A 275 1.65 20.11 -8.15
CA ARG A 275 1.87 21.37 -8.84
C ARG A 275 2.18 21.13 -10.32
N TRP A 276 1.64 21.96 -11.21
CA TRP A 276 1.98 21.87 -12.63
C TRP A 276 3.48 21.82 -12.81
N GLY A 277 3.93 20.90 -13.65
CA GLY A 277 5.35 20.80 -13.97
C GLY A 277 6.19 20.09 -12.93
N GLN A 278 5.60 19.78 -11.78
CA GLN A 278 6.29 19.02 -10.74
C GLN A 278 6.43 17.54 -11.14
N PRO A 279 7.66 17.01 -11.11
CA PRO A 279 7.89 15.62 -11.51
C PRO A 279 7.31 14.61 -10.53
N LEU A 280 6.83 13.50 -11.08
CA LEU A 280 6.25 12.42 -10.29
C LEU A 280 6.33 11.10 -11.05
N ARG A 281 6.16 10.03 -10.29
CA ARG A 281 6.00 8.69 -10.84
C ARG A 281 4.53 8.31 -10.81
N ILE A 282 4.11 7.54 -11.80
CA ILE A 282 2.74 7.08 -11.91
C ILE A 282 2.76 5.56 -11.79
N ARG A 283 2.23 5.07 -10.68
CA ARG A 283 2.28 3.65 -10.37
C ARG A 283 0.93 3.01 -10.65
N HIS A 284 0.98 1.86 -11.32
CA HIS A 284 -0.21 1.05 -11.48
C HIS A 284 -0.44 0.26 -10.18
N VAL A 285 -1.59 0.45 -9.56
CA VAL A 285 -1.84 -0.09 -8.22
C VAL A 285 -1.79 -1.63 -8.16
N THR A 286 -2.70 -2.31 -8.87
CA THR A 286 -2.81 -3.78 -8.74
C THR A 286 -1.56 -4.50 -9.24
N THR A 287 -0.98 -4.02 -10.33
CA THR A 287 0.20 -4.65 -10.92
C THR A 287 1.48 -4.19 -10.21
N GLY A 288 1.44 -3.01 -9.59
CA GLY A 288 2.58 -2.47 -8.84
C GLY A 288 3.73 -1.99 -9.70
N ARG A 289 3.50 -1.87 -11.00
CA ARG A 289 4.53 -1.47 -11.93
C ARG A 289 4.42 0.00 -12.25
N TYR A 290 5.44 0.54 -12.90
CA TYR A 290 5.59 1.98 -13.06
C TYR A 290 5.55 2.44 -14.51
N LEU A 291 4.67 3.41 -14.79
CA LEU A 291 4.60 3.99 -16.12
C LEU A 291 5.97 4.52 -16.50
N ALA A 292 6.50 4.09 -17.62
CA ALA A 292 7.85 4.49 -18.02
C ALA A 292 8.05 4.61 -19.53
N LEU A 293 9.04 5.39 -19.92
CA LEU A 293 9.53 5.43 -21.28
C LEU A 293 10.79 4.58 -21.33
N THR A 294 10.84 3.66 -22.28
CA THR A 294 11.97 2.75 -22.40
C THR A 294 12.60 2.77 -23.79
N GLU A 295 13.89 2.46 -23.83
CA GLU A 295 14.73 2.54 -25.03
C GLU A 295 14.25 1.61 -26.14
N ASP A 296 14.02 0.34 -25.78
CA ASP A 296 13.62 -0.69 -26.74
C ASP A 296 12.11 -0.70 -26.99
N GLN A 297 11.33 -0.92 -25.93
CA GLN A 297 9.88 -1.11 -26.03
C GLN A 297 9.05 0.17 -26.27
N GLY A 298 9.50 1.33 -25.77
CA GLY A 298 8.74 2.57 -25.87
C GLY A 298 7.98 2.89 -24.59
N LEU A 299 6.76 3.41 -24.72
CA LEU A 299 5.93 3.66 -23.54
C LEU A 299 5.35 2.37 -22.97
N VAL A 300 5.75 2.03 -21.76
CA VAL A 300 5.32 0.79 -21.11
C VAL A 300 5.15 0.95 -19.61
N VAL A 301 4.92 -0.19 -18.95
CA VAL A 301 4.86 -0.27 -17.51
C VAL A 301 6.02 -1.15 -17.05
N VAL A 302 6.71 -0.74 -15.98
CA VAL A 302 8.01 -1.31 -15.63
C VAL A 302 8.07 -1.77 -14.17
N ASP A 303 8.86 -2.81 -13.91
CA ASP A 303 9.06 -3.30 -12.54
C ASP A 303 9.71 -2.25 -11.65
N ALA A 304 9.32 -2.26 -10.36
CA ALA A 304 9.87 -1.33 -9.37
C ALA A 304 11.38 -1.21 -9.48
N CYS A 305 12.08 -2.34 -9.60
CA CYS A 305 13.53 -2.36 -9.66
C CYS A 305 14.12 -1.63 -10.87
N LYS A 306 13.39 -1.65 -12.00
CA LYS A 306 13.90 -1.01 -13.20
C LYS A 306 13.40 0.44 -13.36
N ALA A 307 12.76 0.97 -12.32
CA ALA A 307 12.10 2.29 -12.43
C ALA A 307 12.97 3.48 -12.03
N HIS A 308 14.08 3.69 -12.75
CA HIS A 308 14.95 4.83 -12.45
C HIS A 308 14.34 6.16 -12.89
N THR A 309 14.69 7.22 -12.16
CA THR A 309 14.10 8.56 -12.33
C THR A 309 13.93 9.01 -13.78
N LYS A 310 14.98 8.88 -14.58
CA LYS A 310 14.95 9.33 -15.97
C LYS A 310 13.84 8.63 -16.78
N ALA A 311 13.75 7.31 -16.60
CA ALA A 311 12.77 6.51 -17.31
C ALA A 311 11.34 6.79 -16.88
N THR A 312 11.14 7.08 -15.60
CA THR A 312 9.81 7.02 -15.01
C THR A 312 9.21 8.35 -14.49
N SER A 313 9.86 9.47 -14.81
CA SER A 313 9.37 10.77 -14.33
C SER A 313 8.49 11.52 -15.32
N PHE A 314 7.29 11.82 -14.86
CA PHE A 314 6.27 12.50 -15.64
C PHE A 314 5.82 13.75 -14.90
N CYS A 315 5.17 14.65 -15.61
CA CYS A 315 4.53 15.80 -14.96
C CYS A 315 3.31 16.22 -15.75
N PHE A 316 2.43 16.98 -15.10
CA PHE A 316 1.26 17.55 -15.75
C PHE A 316 1.59 18.94 -16.26
N ARG A 317 1.10 19.27 -17.45
CA ARG A 317 1.36 20.56 -18.06
C ARG A 317 0.03 21.21 -18.44
N VAL A 318 -0.10 22.49 -18.15
CA VAL A 318 -1.28 23.26 -18.54
C VAL A 318 -1.44 23.26 -20.05
N SER A 319 -0.31 23.37 -20.76
CA SER A 319 -0.30 23.43 -22.20
C SER A 319 0.97 22.78 -22.75
N LYS A 320 1.13 22.81 -24.07
CA LYS A 320 2.26 22.19 -24.73
C LYS A 320 3.30 23.22 -25.20
N GLU A 321 3.15 24.46 -24.73
CA GLU A 321 4.13 25.52 -25.01
C GLU A 321 5.50 25.20 -24.41
N LYS A 322 6.53 25.85 -24.95
CA LYS A 322 7.94 25.51 -24.66
C LYS A 322 8.36 25.38 -23.18
N LEU A 323 7.93 26.33 -22.35
CA LEU A 323 8.40 26.45 -20.95
C LEU A 323 9.92 26.65 -20.88
N ARG A 329 11.50 26.94 -6.66
CA ARG A 329 12.00 26.12 -5.56
C ARG A 329 10.85 25.46 -4.78
N ASP A 330 11.02 24.17 -4.49
CA ASP A 330 10.02 23.36 -3.76
C ASP A 330 9.83 23.80 -2.31
N VAL A 331 8.56 24.01 -1.94
CA VAL A 331 8.16 24.45 -0.60
C VAL A 331 8.18 23.28 0.40
N GLU A 332 8.05 23.58 1.69
CA GLU A 332 8.06 22.57 2.74
C GLU A 332 6.67 22.29 3.36
N GLY A 333 5.62 22.93 2.86
CA GLY A 333 4.28 22.68 3.38
C GLY A 333 3.42 21.83 2.45
N MET A 334 2.10 21.97 2.60
CA MET A 334 1.13 21.42 1.66
C MET A 334 1.23 22.11 0.31
N GLY A 335 1.79 23.32 0.31
CA GLY A 335 2.03 24.08 -0.91
C GLY A 335 0.78 24.69 -1.52
N PRO A 336 0.93 25.42 -2.63
CA PRO A 336 -0.22 26.00 -3.32
C PRO A 336 -1.05 24.94 -4.04
N PRO A 337 -2.38 24.96 -3.84
CA PRO A 337 -3.25 24.06 -4.58
C PRO A 337 -3.45 24.54 -6.02
N GLU A 338 -3.05 23.71 -6.98
CA GLU A 338 -3.06 24.09 -8.38
C GLU A 338 -4.00 23.26 -9.26
N ILE A 339 -4.10 21.96 -8.98
CA ILE A 339 -4.82 21.02 -9.87
C ILE A 339 -6.10 20.44 -9.26
N LYS A 340 -7.23 20.74 -9.89
CA LYS A 340 -8.54 20.34 -9.38
C LYS A 340 -9.08 19.06 -10.04
N TYR A 341 -9.61 18.15 -9.22
CA TYR A 341 -10.20 16.90 -9.71
C TYR A 341 -11.39 17.17 -10.60
N GLY A 342 -11.38 16.57 -11.78
CA GLY A 342 -12.48 16.70 -12.72
C GLY A 342 -12.41 17.99 -13.49
N GLU A 343 -12.24 19.11 -12.78
CA GLU A 343 -12.26 20.45 -13.42
C GLU A 343 -10.98 20.81 -14.20
N SER A 344 -9.83 20.25 -13.83
CA SER A 344 -8.57 20.61 -14.50
C SER A 344 -8.23 19.68 -15.66
N LEU A 345 -7.94 20.25 -16.83
CA LEU A 345 -7.43 19.48 -17.96
C LEU A 345 -5.90 19.50 -18.02
N CYS A 346 -5.28 18.33 -18.03
CA CYS A 346 -3.81 18.27 -17.99
C CYS A 346 -3.18 17.44 -19.11
N PHE A 347 -2.15 18.00 -19.72
CA PHE A 347 -1.30 17.28 -20.65
C PHE A 347 -0.21 16.59 -19.85
N VAL A 348 -0.04 15.28 -20.06
CA VAL A 348 1.01 14.54 -19.37
C VAL A 348 2.27 14.57 -20.21
N GLN A 349 3.40 14.86 -19.58
CA GLN A 349 4.69 14.91 -20.27
C GLN A 349 5.75 14.08 -19.56
N HIS A 350 6.52 13.34 -20.35
CA HIS A 350 7.70 12.66 -19.84
C HIS A 350 8.81 13.69 -19.66
N VAL A 351 9.40 13.73 -18.48
CA VAL A 351 10.30 14.81 -18.12
C VAL A 351 11.64 14.79 -18.89
N ALA A 352 12.33 13.65 -18.86
CA ALA A 352 13.64 13.54 -19.50
C ALA A 352 13.63 13.83 -21.01
N SER A 353 12.56 13.43 -21.68
CA SER A 353 12.49 13.50 -23.15
C SER A 353 11.59 14.61 -23.64
N GLY A 354 10.74 15.11 -22.76
CA GLY A 354 9.74 16.12 -23.13
C GLY A 354 8.71 15.59 -24.12
N LEU A 355 8.56 14.26 -24.17
CA LEU A 355 7.58 13.63 -25.04
C LEU A 355 6.21 13.68 -24.41
N TRP A 356 5.18 13.77 -25.26
CA TRP A 356 3.80 13.83 -24.81
C TRP A 356 3.14 12.46 -24.74
N LEU A 357 2.38 12.23 -23.67
CA LEU A 357 1.53 11.06 -23.56
C LEU A 357 0.37 11.23 -24.53
N THR A 358 0.33 10.40 -25.56
CA THR A 358 -0.75 10.43 -26.55
C THR A 358 -1.17 9.02 -26.97
N TYR A 359 -1.93 8.93 -28.07
CA TYR A 359 -2.41 7.65 -28.59
C TYR A 359 -1.99 7.41 -30.03
N ALA A 360 -2.18 6.16 -30.48
CA ALA A 360 -2.09 5.80 -31.89
C ALA A 360 -3.51 5.61 -32.44
N ALA A 361 -3.80 6.25 -33.58
CA ALA A 361 -5.14 6.27 -34.20
C ALA A 361 -5.74 4.88 -34.50
N LEU A 372 -14.07 0.33 -27.64
CA LEU A 372 -12.85 0.71 -28.36
C LEU A 372 -11.64 0.83 -27.43
N LYS A 373 -10.47 0.42 -27.94
CA LYS A 373 -9.21 0.60 -27.24
C LYS A 373 -8.10 1.02 -28.21
N LYS A 374 -7.34 2.05 -27.81
CA LYS A 374 -6.20 2.54 -28.58
C LYS A 374 -4.95 2.39 -27.74
N LYS A 375 -3.79 2.30 -28.40
CA LYS A 375 -2.54 2.17 -27.67
C LYS A 375 -2.03 3.53 -27.22
N ALA A 376 -1.58 3.59 -25.96
CA ALA A 376 -0.94 4.80 -25.44
C ALA A 376 0.53 4.80 -25.85
N ILE A 377 0.99 5.97 -26.29
CA ILE A 377 2.36 6.14 -26.78
C ILE A 377 2.93 7.46 -26.28
N LEU A 378 4.25 7.62 -26.43
CA LEU A 378 4.89 8.92 -26.23
C LEU A 378 5.33 9.46 -27.58
N HIS A 379 4.98 10.70 -27.86
CA HIS A 379 5.21 11.31 -29.17
C HIS A 379 5.68 12.74 -29.03
N GLN A 380 6.57 13.17 -29.93
CA GLN A 380 7.13 14.52 -29.89
C GLN A 380 6.05 15.60 -29.92
N GLU A 381 5.09 15.46 -30.83
CA GLU A 381 4.08 16.48 -31.07
C GLU A 381 2.70 16.10 -30.51
N GLY A 382 2.37 14.81 -30.55
CA GLY A 382 1.10 14.32 -30.02
C GLY A 382 -0.13 14.83 -30.75
N HIS A 383 -1.24 14.92 -30.02
CA HIS A 383 -2.53 15.25 -30.61
C HIS A 383 -3.21 16.43 -29.93
N MET A 384 -3.97 17.20 -30.71
CA MET A 384 -4.66 18.36 -30.18
C MET A 384 -5.59 18.03 -29.00
N ASP A 385 -5.92 16.76 -28.81
CA ASP A 385 -6.87 16.36 -27.77
C ASP A 385 -6.29 15.47 -26.66
N ASP A 386 -4.98 15.58 -26.42
CA ASP A 386 -4.29 14.80 -25.39
C ASP A 386 -4.64 15.09 -23.94
N ALA A 387 -5.26 16.22 -23.65
CA ALA A 387 -5.47 16.63 -22.25
C ALA A 387 -6.40 15.68 -21.52
N LEU A 388 -5.95 15.20 -20.36
CA LEU A 388 -6.74 14.31 -19.52
C LEU A 388 -7.32 15.08 -18.34
N PHE A 389 -8.31 14.49 -17.68
CA PHE A 389 -8.78 15.04 -16.42
C PHE A 389 -8.79 13.93 -15.38
N LEU A 390 -8.77 14.30 -14.11
CA LEU A 390 -8.53 13.30 -13.07
C LEU A 390 -9.73 13.11 -12.16
N THR A 391 -10.07 11.85 -11.91
CA THR A 391 -11.11 11.55 -10.95
C THR A 391 -10.54 10.71 -9.84
N ARG A 392 -10.83 11.14 -8.61
CA ARG A 392 -10.32 10.50 -7.41
C ARG A 392 -11.05 9.20 -7.16
N CYS A 393 -10.28 8.14 -6.90
CA CYS A 393 -10.81 6.85 -6.52
C CYS A 393 -11.34 6.94 -5.09
N GLN A 394 -12.35 6.15 -4.75
CA GLN A 394 -12.86 6.14 -3.37
C GLN A 394 -12.15 5.07 -2.56
N GLN A 395 -12.23 5.18 -1.23
CA GLN A 395 -11.38 4.38 -0.35
C GLN A 395 -11.62 2.88 -0.47
N GLU A 396 -12.88 2.45 -0.48
CA GLU A 396 -13.22 1.03 -0.58
C GLU A 396 -12.59 0.37 -1.83
N GLU A 397 -12.76 1.03 -2.96
CA GLU A 397 -12.22 0.55 -4.23
C GLU A 397 -10.70 0.57 -4.20
N SER A 398 -10.15 1.69 -3.74
CA SER A 398 -8.70 1.91 -3.62
C SER A 398 -8.04 0.84 -2.77
N GLN A 399 -8.65 0.55 -1.63
CA GLN A 399 -8.17 -0.48 -0.72
C GLN A 399 -8.18 -1.83 -1.43
N ALA A 400 -9.27 -2.11 -2.14
CA ALA A 400 -9.44 -3.38 -2.83
C ALA A 400 -8.39 -3.61 -3.90
N ALA A 401 -8.06 -2.56 -4.65
CA ALA A 401 -7.00 -2.66 -5.65
C ALA A 401 -5.68 -3.12 -5.04
N ARG A 402 -5.33 -2.57 -3.88
CA ARG A 402 -4.09 -2.93 -3.19
C ARG A 402 -4.15 -4.36 -2.66
N MET A 403 -5.28 -4.72 -2.05
CA MET A 403 -5.48 -6.09 -1.59
C MET A 403 -5.26 -7.10 -2.71
N ILE A 404 -5.70 -6.76 -3.91
CA ILE A 404 -5.48 -7.60 -5.09
C ILE A 404 -3.98 -7.75 -5.34
N HIS A 405 -3.28 -6.63 -5.38
CA HIS A 405 -1.83 -6.61 -5.60
C HIS A 405 -1.05 -7.54 -4.67
N SER A 406 -1.36 -7.48 -3.37
CA SER A 406 -0.69 -8.30 -2.36
C SER A 406 -1.02 -9.77 -2.51
N THR A 407 -2.31 -10.05 -2.68
CA THR A 407 -2.82 -11.39 -2.83
C THR A 407 -2.28 -12.06 -4.09
N ALA A 408 -2.32 -11.35 -5.21
CA ALA A 408 -1.77 -11.89 -6.46
C ALA A 408 -0.33 -12.31 -6.24
N GLY A 409 0.49 -11.37 -5.78
CA GLY A 409 1.90 -11.61 -5.48
C GLY A 409 2.15 -12.75 -4.52
N LEU A 410 1.35 -12.82 -3.45
CA LEU A 410 1.53 -13.88 -2.45
C LEU A 410 1.23 -15.26 -3.02
N TYR A 411 0.04 -15.43 -3.61
CA TYR A 411 -0.34 -16.74 -4.14
C TYR A 411 0.51 -17.14 -5.33
N ASN A 412 0.90 -16.16 -6.14
CA ASN A 412 1.82 -16.42 -7.25
C ASN A 412 3.14 -17.04 -6.81
N GLN A 413 3.70 -16.55 -5.70
CA GLN A 413 4.94 -17.11 -5.19
C GLN A 413 4.70 -18.46 -4.52
N PHE A 414 3.52 -18.63 -3.92
CA PHE A 414 3.13 -19.90 -3.32
C PHE A 414 2.98 -20.98 -4.40
N ILE A 415 2.55 -20.56 -5.58
CA ILE A 415 2.47 -21.44 -6.75
C ILE A 415 3.86 -21.79 -7.25
N LYS A 416 4.74 -20.80 -7.35
CA LYS A 416 6.12 -21.02 -7.79
C LYS A 416 6.85 -22.02 -6.89
N GLY A 417 6.48 -22.04 -5.61
CA GLY A 417 7.01 -23.01 -4.66
C GLY A 417 6.55 -24.42 -4.95
N LEU A 418 5.31 -24.55 -5.40
CA LEU A 418 4.75 -25.85 -5.76
C LEU A 418 5.32 -26.37 -7.07
N ASP A 419 5.40 -25.51 -8.08
CA ASP A 419 5.99 -25.84 -9.37
C ASP A 419 7.43 -26.32 -9.23
N SER A 420 8.14 -25.70 -8.29
CA SER A 420 9.56 -26.00 -8.05
C SER A 420 9.82 -27.46 -7.66
N PHE A 421 8.94 -28.03 -6.82
CA PHE A 421 9.17 -29.40 -6.34
C PHE A 421 8.18 -30.44 -6.88
N SER A 422 7.50 -30.11 -7.98
CA SER A 422 6.49 -30.99 -8.59
C SER A 422 7.03 -32.40 -8.88
N GLY A 423 8.23 -32.47 -9.47
CA GLY A 423 8.84 -33.75 -9.81
C GLY A 423 10.02 -34.14 -8.93
N LYS A 424 10.20 -33.40 -7.83
CA LYS A 424 11.33 -33.64 -6.92
C LYS A 424 10.89 -34.09 -5.53
N PRO A 425 11.35 -35.28 -5.10
CA PRO A 425 11.08 -35.80 -3.76
C PRO A 425 12.33 -35.97 -2.89
N PRO A 431 13.68 -29.60 1.33
CA PRO A 431 14.01 -29.41 -0.08
C PRO A 431 14.66 -28.05 -0.37
N ALA A 432 15.32 -27.95 -1.52
CA ALA A 432 15.99 -26.72 -1.96
C ALA A 432 14.98 -25.60 -2.22
N GLY A 433 13.78 -25.97 -2.67
CA GLY A 433 12.69 -25.02 -2.88
C GLY A 433 12.52 -24.13 -1.67
N PRO A 434 12.48 -22.81 -1.89
CA PRO A 434 12.36 -21.86 -0.78
C PRO A 434 11.07 -22.15 -0.04
N ALA A 435 11.09 -21.96 1.28
CA ALA A 435 9.94 -22.27 2.12
C ALA A 435 8.65 -21.67 1.56
N LEU A 436 7.59 -22.48 1.54
CA LEU A 436 6.28 -22.02 1.14
C LEU A 436 5.75 -21.06 2.21
N PRO A 437 5.09 -19.98 1.79
CA PRO A 437 4.52 -19.02 2.74
C PRO A 437 3.27 -19.56 3.45
N ILE A 438 3.37 -20.76 4.03
CA ILE A 438 2.26 -21.40 4.72
C ILE A 438 1.55 -20.44 5.69
N GLU A 439 2.31 -19.86 6.62
CA GLU A 439 1.76 -18.98 7.65
C GLU A 439 0.95 -17.81 7.08
N ALA A 440 1.50 -17.20 6.02
CA ALA A 440 0.88 -16.02 5.38
C ALA A 440 -0.35 -16.38 4.55
N VAL A 441 -0.28 -17.48 3.83
CA VAL A 441 -1.39 -17.98 3.01
C VAL A 441 -2.62 -18.25 3.87
N ILE A 442 -2.45 -18.97 4.97
CA ILE A 442 -3.55 -19.26 5.88
C ILE A 442 -4.25 -17.98 6.33
N LEU A 443 -3.48 -16.99 6.79
CA LEU A 443 -4.02 -15.71 7.22
C LEU A 443 -4.63 -14.92 6.07
N SER A 444 -3.96 -14.92 4.92
CA SER A 444 -4.48 -14.25 3.73
C SER A 444 -5.86 -14.80 3.34
N LEU A 445 -5.96 -16.12 3.35
CA LEU A 445 -7.22 -16.83 3.08
C LEU A 445 -8.29 -16.47 4.10
N GLN A 446 -7.94 -16.54 5.39
CA GLN A 446 -8.89 -16.23 6.47
C GLN A 446 -9.40 -14.79 6.38
N ASP A 447 -8.51 -13.88 6.00
CA ASP A 447 -8.83 -12.46 5.94
C ASP A 447 -9.79 -12.14 4.82
N LEU A 448 -9.54 -12.74 3.65
CA LEU A 448 -10.39 -12.54 2.49
C LEU A 448 -11.75 -13.20 2.68
N ILE A 449 -11.77 -14.33 3.38
CA ILE A 449 -13.04 -15.00 3.68
C ILE A 449 -13.97 -14.07 4.49
N GLY A 450 -13.45 -13.48 5.56
CA GLY A 450 -14.23 -12.54 6.37
C GLY A 450 -14.55 -11.27 5.62
N TYR A 451 -13.68 -10.91 4.70
CA TYR A 451 -13.82 -9.73 3.86
C TYR A 451 -15.02 -9.89 2.91
N PHE A 452 -15.20 -11.11 2.42
CA PHE A 452 -16.30 -11.42 1.50
C PHE A 452 -17.54 -11.99 2.19
N GLU A 453 -17.46 -12.21 3.50
CA GLU A 453 -18.62 -12.72 4.24
C GLU A 453 -19.85 -11.85 4.00
N PRO A 454 -20.99 -12.49 3.67
CA PRO A 454 -22.27 -11.79 3.54
C PRO A 454 -22.79 -11.28 4.89
N PRO A 455 -23.63 -10.22 4.87
CA PRO A 455 -24.21 -9.66 6.08
C PRO A 455 -25.14 -10.65 6.79
N SER A 456 -25.22 -10.55 8.12
CA SER A 456 -26.13 -11.37 8.91
C SER A 456 -27.57 -11.14 8.47
N GLU A 457 -28.35 -12.23 8.39
CA GLU A 457 -29.74 -12.15 7.93
C GLU A 457 -30.62 -11.29 8.85
N GLU A 458 -30.23 -11.22 10.13
CA GLU A 458 -30.98 -10.47 11.14
C GLU A 458 -30.92 -8.94 10.98
N LEU A 459 -29.97 -8.45 10.19
CA LEU A 459 -29.82 -7.01 9.90
C LEU A 459 -31.04 -6.45 9.18
N GLN A 460 -31.32 -5.16 9.42
CA GLN A 460 -32.47 -4.48 8.80
C GLN A 460 -32.33 -4.40 7.27
N HIS A 461 -33.47 -4.35 6.58
CA HIS A 461 -33.53 -4.35 5.11
C HIS A 461 -32.67 -3.28 4.45
N GLU A 462 -32.82 -2.04 4.91
CA GLU A 462 -32.07 -0.89 4.38
C GLU A 462 -30.56 -1.09 4.44
N GLU A 463 -30.06 -1.46 5.62
CA GLU A 463 -28.63 -1.72 5.82
C GLU A 463 -28.16 -2.91 5.00
N LYS A 464 -28.95 -3.98 4.99
CA LYS A 464 -28.66 -5.16 4.18
C LYS A 464 -28.38 -4.75 2.75
N GLN A 465 -29.34 -4.12 2.08
CA GLN A 465 -29.21 -3.67 0.69
C GLN A 465 -27.87 -2.96 0.42
N SER A 466 -27.58 -1.93 1.22
CA SER A 466 -26.34 -1.15 1.07
C SER A 466 -25.08 -1.99 1.26
N LYS A 467 -25.11 -2.90 2.22
CA LYS A 467 -23.98 -3.79 2.51
C LYS A 467 -23.76 -4.80 1.39
N LEU A 468 -24.87 -5.27 0.79
CA LEU A 468 -24.82 -6.21 -0.34
C LEU A 468 -24.19 -5.62 -1.58
N ARG A 469 -24.53 -4.37 -1.91
CA ARG A 469 -23.96 -3.67 -3.07
C ARG A 469 -22.43 -3.58 -2.95
N SER A 470 -21.96 -3.21 -1.76
CA SER A 470 -20.53 -3.18 -1.46
C SER A 470 -19.90 -4.55 -1.65
N LEU A 471 -20.52 -5.58 -1.07
CA LEU A 471 -20.00 -6.93 -1.19
C LEU A 471 -19.88 -7.31 -2.66
N ARG A 472 -20.97 -7.14 -3.42
CA ARG A 472 -20.98 -7.49 -4.84
C ARG A 472 -19.89 -6.78 -5.61
N ASN A 473 -19.71 -5.49 -5.33
CA ASN A 473 -18.67 -4.70 -5.99
C ASN A 473 -17.25 -5.08 -5.55
N ARG A 474 -17.06 -5.33 -4.26
CA ARG A 474 -15.78 -5.86 -3.80
C ARG A 474 -15.42 -7.11 -4.59
N GLN A 475 -16.38 -8.03 -4.66
CA GLN A 475 -16.22 -9.27 -5.42
C GLN A 475 -15.91 -8.99 -6.86
N SER A 476 -16.67 -8.08 -7.47
CA SER A 476 -16.49 -7.75 -8.87
C SER A 476 -15.04 -7.42 -9.20
N LEU A 477 -14.44 -6.55 -8.40
CA LEU A 477 -13.06 -6.08 -8.62
C LEU A 477 -12.05 -7.22 -8.63
N PHE A 478 -12.16 -8.13 -7.66
CA PHE A 478 -11.30 -9.31 -7.58
C PHE A 478 -11.47 -10.22 -8.79
N GLN A 479 -12.73 -10.48 -9.16
CA GLN A 479 -13.05 -11.35 -10.29
C GLN A 479 -12.47 -10.84 -11.60
N GLU A 480 -12.57 -9.53 -11.82
CA GLU A 480 -12.04 -8.92 -13.04
C GLU A 480 -10.52 -8.93 -13.07
N GLU A 481 -9.88 -9.18 -11.93
CA GLU A 481 -8.43 -9.26 -11.91
C GLU A 481 -7.93 -10.72 -11.95
N GLY A 482 -8.88 -11.64 -12.14
CA GLY A 482 -8.56 -13.06 -12.28
C GLY A 482 -8.17 -13.72 -10.99
N MET A 483 -8.84 -13.33 -9.90
CA MET A 483 -8.58 -13.94 -8.59
C MET A 483 -9.14 -15.35 -8.52
N LEU A 484 -10.22 -15.60 -9.27
CA LEU A 484 -10.82 -16.93 -9.34
C LEU A 484 -9.85 -17.96 -9.93
N SER A 485 -9.25 -17.63 -11.06
CA SER A 485 -8.26 -18.49 -11.70
C SER A 485 -7.08 -18.68 -10.77
N LEU A 486 -6.71 -17.60 -10.10
CA LEU A 486 -5.56 -17.61 -9.20
C LEU A 486 -5.78 -18.58 -8.05
N VAL A 487 -6.96 -18.52 -7.44
CA VAL A 487 -7.35 -19.46 -6.39
C VAL A 487 -7.43 -20.87 -6.95
N LEU A 488 -8.00 -21.01 -8.15
CA LEU A 488 -8.19 -22.32 -8.77
C LEU A 488 -6.86 -23.03 -9.02
N ASN A 489 -5.84 -22.28 -9.44
CA ASN A 489 -4.52 -22.85 -9.69
C ASN A 489 -3.87 -23.40 -8.45
N CYS A 490 -4.13 -22.74 -7.32
CA CYS A 490 -3.63 -23.22 -6.04
C CYS A 490 -4.27 -24.54 -5.73
N ILE A 491 -5.59 -24.61 -5.90
CA ILE A 491 -6.35 -25.83 -5.67
C ILE A 491 -5.86 -26.96 -6.58
N ASP A 492 -5.79 -26.71 -7.88
CA ASP A 492 -5.36 -27.71 -8.85
C ASP A 492 -3.97 -28.26 -8.56
N ARG A 493 -3.02 -27.39 -8.27
CA ARG A 493 -1.66 -27.81 -7.96
C ARG A 493 -1.58 -28.55 -6.62
N LEU A 494 -2.38 -28.12 -5.65
CA LEU A 494 -2.46 -28.79 -4.36
C LEU A 494 -3.09 -30.15 -4.46
N ASN A 495 -4.12 -30.27 -5.29
CA ASN A 495 -4.90 -31.50 -5.40
C ASN A 495 -4.23 -32.62 -6.15
N VAL A 496 -3.10 -32.32 -6.79
CA VAL A 496 -2.28 -33.36 -7.41
C VAL A 496 -2.00 -34.41 -6.34
N TYR A 497 -2.12 -33.98 -5.08
CA TYR A 497 -1.76 -34.81 -3.95
C TYR A 497 -3.00 -35.39 -3.28
N THR A 498 -2.96 -36.70 -3.03
CA THR A 498 -4.11 -37.45 -2.52
C THR A 498 -4.43 -37.10 -1.07
N THR A 499 -3.38 -36.91 -0.27
CA THR A 499 -3.51 -36.63 1.16
C THR A 499 -2.33 -35.79 1.68
N ALA A 500 -2.29 -35.61 3.00
CA ALA A 500 -1.20 -34.88 3.66
C ALA A 500 0.13 -35.62 3.54
N ALA A 501 0.11 -36.93 3.82
CA ALA A 501 1.31 -37.75 3.76
C ALA A 501 1.91 -37.78 2.34
N HIS A 502 1.03 -37.95 1.35
CA HIS A 502 1.45 -37.96 -0.06
C HIS A 502 2.10 -36.64 -0.42
N PHE A 503 1.53 -35.55 0.09
CA PHE A 503 2.08 -34.21 -0.10
C PHE A 503 3.45 -34.11 0.56
N ALA A 504 3.52 -34.67 1.77
CA ALA A 504 4.74 -34.64 2.57
C ALA A 504 5.89 -35.30 1.83
N GLU A 505 5.59 -36.35 1.07
CA GLU A 505 6.62 -37.01 0.30
C GLU A 505 7.36 -36.00 -0.58
N TYR A 506 6.62 -35.05 -1.15
CA TYR A 506 7.22 -34.03 -2.00
C TYR A 506 7.54 -32.72 -1.31
N ALA A 507 7.01 -32.53 -0.10
CA ALA A 507 7.24 -31.30 0.67
C ALA A 507 7.52 -31.63 2.13
N GLY A 508 8.14 -30.71 2.86
CA GLY A 508 8.43 -30.95 4.27
C GLY A 508 7.21 -31.48 5.04
N GLU A 509 7.46 -32.39 5.98
CA GLU A 509 6.40 -32.87 6.88
C GLU A 509 5.74 -31.70 7.61
N GLU A 510 6.54 -30.65 7.89
CA GLU A 510 6.08 -29.42 8.51
C GLU A 510 5.06 -28.68 7.62
N ALA A 511 5.33 -28.63 6.32
CA ALA A 511 4.41 -28.04 5.35
C ALA A 511 3.10 -28.83 5.26
N ALA A 512 3.21 -30.15 5.36
CA ALA A 512 2.08 -31.07 5.21
C ALA A 512 1.01 -30.94 6.29
N GLU A 513 1.40 -30.40 7.45
CA GLU A 513 0.49 -30.25 8.59
C GLU A 513 -0.59 -29.19 8.35
N SER A 514 -0.44 -28.42 7.29
CA SER A 514 -1.37 -27.34 6.98
C SER A 514 -2.08 -27.55 5.63
N TRP A 515 -1.78 -28.66 4.97
CA TRP A 515 -2.27 -28.97 3.62
C TRP A 515 -3.80 -29.04 3.55
N LYS A 516 -4.39 -29.78 4.48
CA LYS A 516 -5.85 -29.90 4.55
C LYS A 516 -6.51 -28.56 4.86
N GLU A 517 -5.90 -27.79 5.77
CA GLU A 517 -6.43 -26.48 6.14
C GLU A 517 -6.44 -25.52 4.95
N ILE A 518 -5.30 -25.42 4.26
CA ILE A 518 -5.15 -24.53 3.11
C ILE A 518 -6.11 -24.91 1.97
N VAL A 519 -6.24 -26.21 1.71
CA VAL A 519 -7.14 -26.68 0.67
C VAL A 519 -8.59 -26.34 1.04
N ASN A 520 -8.96 -26.54 2.31
CA ASN A 520 -10.29 -26.19 2.80
C ASN A 520 -10.55 -24.69 2.76
N LEU A 521 -9.53 -23.91 3.13
CA LEU A 521 -9.60 -22.45 3.09
C LEU A 521 -9.71 -21.93 1.67
N LEU A 522 -8.98 -22.54 0.74
CA LEU A 522 -9.05 -22.17 -0.67
C LEU A 522 -10.44 -22.39 -1.27
N TYR A 523 -11.04 -23.55 -0.99
CA TYR A 523 -12.40 -23.84 -1.46
C TYR A 523 -13.39 -22.83 -0.90
N GLU A 524 -13.28 -22.56 0.39
CA GLU A 524 -14.13 -21.60 1.06
C GLU A 524 -14.04 -20.20 0.44
N LEU A 525 -12.81 -19.79 0.12
CA LEU A 525 -12.60 -18.49 -0.52
C LEU A 525 -13.22 -18.53 -1.90
N LEU A 526 -12.93 -19.61 -2.64
CA LEU A 526 -13.51 -19.81 -3.97
C LEU A 526 -15.01 -19.60 -3.92
N ALA A 527 -15.66 -20.25 -2.97
CA ALA A 527 -17.10 -20.13 -2.79
C ALA A 527 -17.51 -18.71 -2.46
N SER A 528 -16.73 -18.04 -1.62
CA SER A 528 -17.05 -16.68 -1.17
C SER A 528 -16.93 -15.67 -2.31
N LEU A 529 -16.04 -15.95 -3.25
CA LEU A 529 -15.87 -15.10 -4.43
C LEU A 529 -17.01 -15.24 -5.42
N ILE A 530 -17.46 -16.48 -5.64
CA ILE A 530 -18.49 -16.79 -6.65
C ILE A 530 -19.90 -16.41 -6.20
N ARG A 531 -20.16 -16.50 -4.89
CA ARG A 531 -21.49 -16.23 -4.32
C ARG A 531 -22.11 -14.93 -4.85
N GLY A 532 -23.37 -15.02 -5.25
CA GLY A 532 -24.06 -13.93 -5.94
C GLY A 532 -24.39 -12.73 -5.09
N ASN A 533 -24.78 -12.98 -3.84
CA ASN A 533 -25.16 -11.93 -2.87
C ASN A 533 -26.07 -10.86 -3.46
N ARG A 534 -27.26 -11.26 -3.92
CA ARG A 534 -28.17 -10.30 -4.57
C ARG A 534 -29.42 -10.03 -3.73
C1 GOL B . 13.28 13.09 2.53
O1 GOL B . 12.65 13.26 3.79
C2 GOL B . 12.93 14.28 1.63
O2 GOL B . 11.55 14.31 1.40
C3 GOL B . 13.68 14.15 0.30
O3 GOL B . 13.03 13.21 -0.53
#